data_9OJX
#
_entry.id   9OJX
#
_cell.length_a   167.437
_cell.length_b   55.095
_cell.length_c   120.916
_cell.angle_alpha   90.00
_cell.angle_beta   129.99
_cell.angle_gamma   90.00
#
_symmetry.space_group_name_H-M   'C 1 2 1'
#
loop_
_entity.id
_entity.type
_entity.pdbx_description
1 polymer "Bis(5'-nucleosyl)-tetraphosphatase [symmetrical]"
2 non-polymer "GUANOSINE-5'-DIPHOSPHATE"
3 non-polymer 'SULFATE ION'
4 non-polymer 'MANGANESE (II) ION'
5 non-polymer 'MAGNESIUM ION'
6 non-polymer '4-(2-HYDROXYETHYL)-1-PIPERAZINE ETHANESULFONIC ACID'
7 water water
#
_entity_poly.entity_id   1
_entity_poly.type   'polypeptide(L)'
_entity_poly.pdbx_seq_one_letter_code
;MATYLIGDVHGCYDELIALLHKVEFTPGKDTLWLTGDLVARGPGSLDVLRYVKSLGDSVRLVLGNHDLHLLAVFAGISRN
KPKDRLTPLLEAPDADELLNWLRRQPLLQIDEEKKLVMAHAGITPQWDLQTAKECARDVEAVLSSDSYPFFLDAMYGDMP
NNWSPELRGLGRLRFITNAFTRMRFCFPNGQLDMYSKESPEEAPAPLKPWFAIPGPVAEEYSIAFGHWASLEGKGTPEGI
YALDTGCCWGGTLTCLRWEDKQYFVQPSNRHKDLGEAAASHHHHHH
;
_entity_poly.pdbx_strand_id   A,B
#
# COMPACT_ATOMS: atom_id res chain seq x y z
N ALA A 2 17.54 17.61 28.93
CA ALA A 2 17.27 17.98 27.55
C ALA A 2 15.98 17.31 27.08
N THR A 3 15.43 17.81 25.99
CA THR A 3 14.22 17.28 25.39
C THR A 3 14.53 16.68 24.03
N TYR A 4 14.17 15.42 23.83
CA TYR A 4 14.41 14.72 22.57
C TYR A 4 13.08 14.28 21.99
N LEU A 5 12.93 14.45 20.68
CA LEU A 5 11.73 14.05 19.94
C LEU A 5 12.13 13.07 18.85
N ILE A 6 11.53 11.88 18.85
CA ILE A 6 11.85 10.84 17.88
C ILE A 6 10.59 10.45 17.11
N GLY A 7 10.73 10.23 15.80
CA GLY A 7 9.62 9.83 14.95
C GLY A 7 9.28 8.36 15.08
N ASP A 8 8.47 7.87 14.13
CA ASP A 8 7.91 6.52 14.17
C ASP A 8 8.99 5.45 14.35
N VAL A 9 8.87 4.66 15.40
CA VAL A 9 9.86 3.62 15.69
C VAL A 9 9.55 2.32 14.94
N HIS A 10 8.27 1.97 14.83
CA HIS A 10 7.83 0.79 14.08
C HIS A 10 8.65 -0.45 14.41
N GLY A 11 8.75 -0.73 15.71
CA GLY A 11 9.43 -1.96 16.13
C GLY A 11 10.92 -1.98 15.90
N CYS A 12 11.54 -0.85 15.58
CA CYS A 12 12.98 -0.80 15.33
C CYS A 12 13.70 -0.52 16.65
N TYR A 13 13.65 -1.51 17.53
CA TYR A 13 14.16 -1.36 18.89
C TYR A 13 15.67 -1.11 18.88
N ASP A 14 16.42 -1.87 18.09
CA ASP A 14 17.89 -1.68 18.07
C ASP A 14 18.25 -0.26 17.66
N GLU A 15 17.58 0.26 16.62
CA GLU A 15 17.88 1.61 16.15
C GLU A 15 17.50 2.64 17.20
N LEU A 16 16.36 2.44 17.87
CA LEU A 16 15.95 3.36 18.91
C LEU A 16 16.99 3.42 20.02
N ILE A 17 17.43 2.25 20.50
CA ILE A 17 18.39 2.27 21.61
C ILE A 17 19.72 2.88 21.16
N ALA A 18 20.16 2.55 19.95
CA ALA A 18 21.40 3.14 19.45
C ALA A 18 21.30 4.66 19.36
N LEU A 19 20.16 5.18 18.90
CA LEU A 19 19.99 6.63 18.78
C LEU A 19 19.97 7.28 20.16
N LEU A 20 19.29 6.65 21.13
CA LEU A 20 19.25 7.22 22.47
C LEU A 20 20.63 7.20 23.13
N HIS A 21 21.43 6.17 22.85
CA HIS A 21 22.78 6.13 23.39
C HIS A 21 23.66 7.21 22.74
N LYS A 22 23.43 7.46 21.45
CA LYS A 22 24.13 8.54 20.74
C LYS A 22 23.98 9.88 21.45
N VAL A 23 22.76 10.22 21.88
CA VAL A 23 22.53 11.50 22.56
C VAL A 23 22.68 11.37 24.07
N GLU A 24 23.02 10.20 24.58
CA GLU A 24 23.18 9.94 26.01
C GLU A 24 21.90 10.27 26.77
N PHE A 25 20.77 9.77 26.25
CA PHE A 25 19.48 9.99 26.90
C PHE A 25 19.50 9.45 28.32
N THR A 26 19.14 10.30 29.27
CA THR A 26 19.23 9.94 30.69
C THR A 26 17.93 10.30 31.39
N PRO A 27 17.04 9.33 31.62
CA PRO A 27 15.80 9.62 32.34
C PRO A 27 16.14 10.30 33.66
N GLY A 28 15.32 11.29 34.04
CA GLY A 28 15.59 12.12 35.19
C GLY A 28 16.28 13.42 34.87
N LYS A 29 17.13 13.42 33.85
CA LYS A 29 17.69 14.64 33.28
C LYS A 29 17.00 15.05 31.98
N ASP A 30 16.50 14.07 31.22
CA ASP A 30 16.01 14.28 29.88
C ASP A 30 14.59 13.74 29.77
N THR A 31 13.86 14.25 28.78
CA THR A 31 12.53 13.77 28.46
C THR A 31 12.48 13.41 26.98
N LEU A 32 11.80 12.32 26.67
CA LEU A 32 11.70 11.83 25.30
C LEU A 32 10.25 11.98 24.86
N TRP A 33 10.04 12.59 23.70
CA TRP A 33 8.75 12.63 23.03
C TRP A 33 8.76 11.65 21.87
N LEU A 34 7.71 10.84 21.73
CA LEU A 34 7.62 9.87 20.64
C LEU A 34 6.34 10.13 19.85
N THR A 35 6.46 10.16 18.52
CA THR A 35 5.33 10.49 17.64
C THR A 35 4.34 9.35 17.43
N GLY A 36 4.50 8.22 18.09
CA GLY A 36 3.58 7.09 17.88
C GLY A 36 4.04 6.16 16.78
N ASP A 37 3.17 5.18 16.48
CA ASP A 37 3.56 4.06 15.62
C ASP A 37 4.82 3.40 16.20
N LEU A 38 4.72 3.02 17.46
CA LEU A 38 5.81 2.33 18.14
C LEU A 38 6.00 0.93 17.58
N VAL A 39 4.95 0.37 16.98
CA VAL A 39 4.88 -1.06 16.70
C VAL A 39 4.63 -1.26 15.21
N ALA A 40 4.76 -2.53 14.80
CA ALA A 40 4.51 -3.07 13.46
C ALA A 40 5.66 -2.87 12.48
N ARG A 41 5.80 -3.86 11.59
CA ARG A 41 6.77 -3.94 10.50
C ARG A 41 8.17 -4.31 10.97
N GLY A 42 8.74 -3.53 11.87
CA GLY A 42 10.04 -3.86 12.40
C GLY A 42 9.93 -5.06 13.29
N PRO A 43 11.08 -5.64 13.68
CA PRO A 43 11.05 -6.94 14.34
C PRO A 43 10.80 -6.86 15.84
N GLY A 44 10.97 -5.71 16.47
CA GLY A 44 11.00 -5.65 17.92
C GLY A 44 9.91 -4.86 18.63
N SER A 45 8.66 -4.98 18.16
CA SER A 45 7.57 -4.25 18.79
C SER A 45 7.45 -4.57 20.28
N LEU A 46 7.65 -5.84 20.66
CA LEU A 46 7.54 -6.22 22.06
C LEU A 46 8.55 -5.47 22.92
N ASP A 47 9.82 -5.48 22.49
CA ASP A 47 10.85 -4.78 23.24
C ASP A 47 10.58 -3.27 23.28
N VAL A 48 10.12 -2.70 22.16
CA VAL A 48 9.84 -1.26 22.15
C VAL A 48 8.78 -0.92 23.19
N LEU A 49 7.67 -1.67 23.21
CA LEU A 49 6.62 -1.35 24.18
C LEU A 49 7.12 -1.52 25.62
N ARG A 50 7.84 -2.62 25.89
CA ARG A 50 8.36 -2.81 27.24
C ARG A 50 9.22 -1.62 27.67
N TYR A 51 10.14 -1.20 26.80
CA TYR A 51 11.04 -0.10 27.16
C TYR A 51 10.27 1.22 27.35
N VAL A 52 9.44 1.59 26.36
CA VAL A 52 8.76 2.88 26.45
C VAL A 52 7.87 2.93 27.69
N LYS A 53 7.16 1.83 27.99
CA LYS A 53 6.37 1.81 29.21
C LYS A 53 7.25 2.00 30.45
N SER A 54 8.45 1.38 30.44
CA SER A 54 9.32 1.51 31.61
C SER A 54 9.75 2.94 31.86
N LEU A 55 9.70 3.79 30.83
CA LEU A 55 10.18 5.17 31.00
C LEU A 55 9.26 6.05 31.86
N GLY A 56 7.98 5.72 31.97
CA GLY A 56 7.10 6.50 32.85
C GLY A 56 7.08 7.97 32.46
N ASP A 57 7.28 8.83 33.45
CA ASP A 57 7.22 10.28 33.26
C ASP A 57 8.34 10.83 32.40
N SER A 58 9.36 10.04 32.08
CA SER A 58 10.42 10.49 31.19
C SER A 58 10.07 10.35 29.73
N VAL A 59 8.86 9.87 29.40
CA VAL A 59 8.43 9.82 28.00
C VAL A 59 7.05 10.46 27.87
N ARG A 60 6.84 11.17 26.77
CA ARG A 60 5.55 11.73 26.37
C ARG A 60 5.21 11.13 25.01
N LEU A 61 4.26 10.21 25.00
CA LEU A 61 3.90 9.48 23.79
C LEU A 61 2.58 10.02 23.24
N VAL A 62 2.41 9.94 21.92
CA VAL A 62 1.09 10.06 21.32
C VAL A 62 0.86 8.78 20.52
N LEU A 63 -0.39 8.33 20.46
CA LEU A 63 -0.72 7.10 19.75
C LEU A 63 -0.84 7.34 18.25
N GLY A 64 -0.36 6.40 17.45
CA GLY A 64 -0.46 6.46 16.01
C GLY A 64 -1.45 5.43 15.46
N ASN A 65 -1.62 5.44 14.13
CA ASN A 65 -2.60 4.52 13.55
C ASN A 65 -2.22 3.04 13.74
N HIS A 66 -0.93 2.72 13.74
CA HIS A 66 -0.53 1.33 13.95
C HIS A 66 -0.65 0.92 15.40
N ASP A 67 -0.48 1.85 16.34
CA ASP A 67 -0.76 1.54 17.75
C ASP A 67 -2.24 1.18 17.93
N LEU A 68 -3.13 1.98 17.35
CA LEU A 68 -4.57 1.71 17.42
C LEU A 68 -4.93 0.40 16.73
N HIS A 69 -4.32 0.15 15.56
CA HIS A 69 -4.58 -1.13 14.90
C HIS A 69 -4.12 -2.31 15.76
N LEU A 70 -2.95 -2.20 16.41
CA LEU A 70 -2.54 -3.25 17.33
C LEU A 70 -3.60 -3.49 18.40
N LEU A 71 -4.14 -2.41 18.96
CA LEU A 71 -5.17 -2.57 19.99
C LEU A 71 -6.39 -3.28 19.41
N ALA A 72 -6.73 -2.96 18.16
CA ALA A 72 -7.88 -3.61 17.53
C ALA A 72 -7.64 -5.11 17.33
N VAL A 73 -6.42 -5.49 16.95
CA VAL A 73 -6.11 -6.91 16.79
C VAL A 73 -6.19 -7.61 18.13
N PHE A 74 -5.58 -7.00 19.15
CA PHE A 74 -5.57 -7.57 20.49
C PHE A 74 -7.00 -7.80 21.00
N ALA A 75 -7.91 -6.87 20.72
CA ALA A 75 -9.29 -6.97 21.17
C ALA A 75 -10.17 -7.85 20.29
N GLY A 76 -9.62 -8.46 19.23
CA GLY A 76 -10.42 -9.30 18.36
C GLY A 76 -11.28 -8.55 17.37
N ILE A 77 -11.05 -7.27 17.21
CA ILE A 77 -11.82 -6.42 16.29
C ILE A 77 -11.30 -6.55 14.86
N SER A 78 -9.98 -6.68 14.67
CA SER A 78 -9.37 -6.63 13.36
C SER A 78 -8.43 -7.81 13.19
N ARG A 79 -8.18 -8.17 11.94
CA ARG A 79 -7.35 -9.33 11.63
C ARG A 79 -5.87 -8.94 11.64
N ASN A 80 -5.05 -9.87 12.13
CA ASN A 80 -3.60 -9.72 12.19
C ASN A 80 -2.97 -9.86 10.80
N LYS A 81 -2.22 -8.85 10.35
CA LYS A 81 -1.54 -9.00 9.07
C LYS A 81 -0.14 -9.56 9.27
N PRO A 82 0.23 -10.67 8.61
CA PRO A 82 1.57 -11.22 8.84
C PRO A 82 2.68 -10.18 8.72
N LYS A 83 2.58 -9.25 7.77
CA LYS A 83 3.67 -8.31 7.56
C LYS A 83 3.90 -7.39 8.75
N ASP A 84 2.90 -7.20 9.62
CA ASP A 84 3.07 -6.34 10.79
C ASP A 84 4.00 -6.92 11.85
N ARG A 85 4.19 -8.25 11.86
CA ARG A 85 5.13 -8.93 12.77
C ARG A 85 4.77 -8.68 14.23
N LEU A 86 3.48 -8.72 14.53
CA LEU A 86 2.98 -8.43 15.88
C LEU A 86 2.80 -9.67 16.74
N THR A 87 3.00 -10.88 16.21
CA THR A 87 2.69 -12.07 16.99
C THR A 87 3.50 -12.20 18.27
N PRO A 88 4.81 -11.96 18.29
CA PRO A 88 5.54 -12.07 19.58
C PRO A 88 4.98 -11.16 20.64
N LEU A 89 4.57 -9.96 20.27
CA LEU A 89 3.97 -9.05 21.24
C LEU A 89 2.60 -9.56 21.69
N LEU A 90 1.76 -9.98 20.74
CA LEU A 90 0.44 -10.50 21.08
C LEU A 90 0.52 -11.76 21.94
N GLU A 91 1.55 -12.57 21.76
CA GLU A 91 1.68 -13.82 22.50
C GLU A 91 2.49 -13.67 23.78
N ALA A 92 2.99 -12.49 24.07
CA ALA A 92 3.84 -12.32 25.24
C ALA A 92 3.04 -12.47 26.53
N PRO A 93 3.66 -13.00 27.59
CA PRO A 93 2.92 -13.15 28.84
C PRO A 93 2.48 -11.83 29.46
N ASP A 94 3.17 -10.72 29.17
CA ASP A 94 2.76 -9.42 29.68
C ASP A 94 1.95 -8.62 28.66
N ALA A 95 1.40 -9.27 27.63
CA ALA A 95 0.68 -8.53 26.59
C ALA A 95 -0.44 -7.70 27.18
N ASP A 96 -1.24 -8.27 28.09
CA ASP A 96 -2.34 -7.50 28.68
C ASP A 96 -1.82 -6.23 29.36
N GLU A 97 -0.78 -6.36 30.19
CA GLU A 97 -0.23 -5.21 30.90
C GLU A 97 0.29 -4.14 29.93
N LEU A 98 1.01 -4.56 28.89
CA LEU A 98 1.55 -3.61 27.91
C LEU A 98 0.43 -2.91 27.16
N LEU A 99 -0.59 -3.65 26.71
CA LEU A 99 -1.58 -3.04 25.86
C LEU A 99 -2.62 -2.26 26.65
N ASN A 100 -2.91 -2.65 27.88
CA ASN A 100 -3.76 -1.80 28.72
C ASN A 100 -3.04 -0.52 29.08
N TRP A 101 -1.70 -0.55 29.20
CA TRP A 101 -0.98 0.71 29.33
C TRP A 101 -1.06 1.51 28.02
N LEU A 102 -0.88 0.85 26.87
CA LEU A 102 -0.84 1.59 25.60
C LEU A 102 -2.14 2.34 25.35
N ARG A 103 -3.28 1.69 25.59
CA ARG A 103 -4.55 2.33 25.27
C ARG A 103 -4.86 3.51 26.18
N ARG A 104 -4.13 3.68 27.29
CA ARG A 104 -4.34 4.84 28.14
CA ARG A 104 -4.27 4.82 28.18
C ARG A 104 -3.43 6.02 27.77
N GLN A 105 -2.67 5.92 26.68
CA GLN A 105 -1.77 7.03 26.38
C GLN A 105 -2.46 8.09 25.54
N PRO A 106 -1.94 9.32 25.53
CA PRO A 106 -2.64 10.43 24.87
C PRO A 106 -2.59 10.35 23.36
N LEU A 107 -3.49 11.11 22.73
CA LEU A 107 -3.41 11.36 21.30
C LEU A 107 -2.70 12.68 21.01
N LEU A 108 -2.51 13.51 22.02
CA LEU A 108 -2.04 14.87 21.84
C LEU A 108 -1.18 15.24 23.04
N GLN A 109 -0.01 15.84 22.79
CA GLN A 109 0.87 16.34 23.84
C GLN A 109 1.06 17.84 23.64
N ILE A 110 0.95 18.64 24.72
CA ILE A 110 1.15 20.08 24.65
C ILE A 110 2.12 20.51 25.76
N ASP A 111 3.13 21.29 25.40
CA ASP A 111 4.03 21.92 26.37
C ASP A 111 3.95 23.42 26.15
N GLU A 112 3.36 24.12 27.11
CA GLU A 112 3.12 25.55 26.93
C GLU A 112 4.40 26.37 27.05
N GLU A 113 5.33 25.95 27.91
CA GLU A 113 6.59 26.69 28.02
C GLU A 113 7.44 26.57 26.77
N LYS A 114 7.38 25.43 26.09
CA LYS A 114 8.08 25.29 24.83
C LYS A 114 7.24 25.74 23.64
N LYS A 115 5.97 26.06 23.86
CA LYS A 115 5.03 26.35 22.79
C LYS A 115 5.13 25.26 21.73
N LEU A 116 4.93 24.01 22.18
CA LEU A 116 5.14 22.83 21.36
C LEU A 116 3.94 21.91 21.47
N VAL A 117 3.45 21.47 20.32
CA VAL A 117 2.33 20.55 20.21
C VAL A 117 2.80 19.32 19.44
N MET A 118 2.37 18.12 19.88
CA MET A 118 2.66 16.90 19.14
C MET A 118 1.45 15.99 19.03
N ALA A 119 1.25 15.46 17.82
CA ALA A 119 0.26 14.42 17.53
C ALA A 119 0.85 13.56 16.43
N HIS A 120 0.27 12.37 16.21
CA HIS A 120 0.90 11.45 15.26
C HIS A 120 0.95 12.06 13.85
N ALA A 121 -0.19 12.55 13.37
CA ALA A 121 -0.27 13.05 11.99
C ALA A 121 -0.18 14.55 11.88
N GLY A 122 -0.33 15.28 12.99
CA GLY A 122 -0.30 16.73 12.94
C GLY A 122 -1.58 17.29 13.50
N ILE A 123 -1.86 18.57 13.24
CA ILE A 123 -3.08 19.23 13.72
C ILE A 123 -3.84 19.74 12.49
N THR A 124 -5.05 19.23 12.26
CA THR A 124 -5.77 19.69 11.09
C THR A 124 -5.95 21.21 11.16
N PRO A 125 -5.80 21.92 10.03
CA PRO A 125 -6.02 23.37 10.05
C PRO A 125 -7.45 23.76 10.42
N GLN A 126 -8.39 22.82 10.45
CA GLN A 126 -9.76 23.12 10.85
C GLN A 126 -9.94 23.18 12.36
N TRP A 127 -8.90 22.93 13.16
CA TRP A 127 -8.99 22.91 14.62
C TRP A 127 -8.21 24.07 15.22
N ASP A 128 -8.82 24.76 16.19
CA ASP A 128 -8.04 25.58 17.09
C ASP A 128 -7.58 24.69 18.24
N LEU A 129 -6.78 25.26 19.15
CA LEU A 129 -6.17 24.46 20.21
C LEU A 129 -7.24 23.88 21.13
N GLN A 130 -8.23 24.68 21.52
CA GLN A 130 -9.24 24.22 22.46
C GLN A 130 -10.01 23.04 21.90
N THR A 131 -10.34 23.09 20.61
CA THR A 131 -11.03 21.99 19.96
C THR A 131 -10.13 20.75 19.90
N ALA A 132 -8.88 20.91 19.49
CA ALA A 132 -7.96 19.77 19.47
C ALA A 132 -7.88 19.10 20.85
N LYS A 133 -7.79 19.90 21.92
CA LYS A 133 -7.74 19.36 23.27
C LYS A 133 -9.01 18.59 23.60
N GLU A 134 -10.17 19.19 23.31
CA GLU A 134 -11.43 18.52 23.61
C GLU A 134 -11.57 17.21 22.86
N CYS A 135 -11.21 17.21 21.57
CA CYS A 135 -11.33 16.00 20.76
C CYS A 135 -10.40 14.91 21.26
N ALA A 136 -9.15 15.28 21.58
CA ALA A 136 -8.23 14.30 22.14
C ALA A 136 -8.79 13.73 23.43
N ARG A 137 -9.34 14.59 24.31
CA ARG A 137 -9.90 14.08 25.55
C ARG A 137 -11.02 13.08 25.29
N ASP A 138 -11.89 13.39 24.33
CA ASP A 138 -13.03 12.49 24.06
C ASP A 138 -12.55 11.11 23.60
N VAL A 139 -11.59 11.09 22.67
CA VAL A 139 -11.18 9.78 22.17
C VAL A 139 -10.34 9.05 23.22
N GLU A 140 -9.47 9.76 23.94
CA GLU A 140 -8.71 9.12 25.00
C GLU A 140 -9.67 8.52 26.03
N ALA A 141 -10.79 9.20 26.29
CA ALA A 141 -11.74 8.67 27.25
C ALA A 141 -12.31 7.35 26.76
N VAL A 142 -12.66 7.25 25.47
CA VAL A 142 -13.22 5.95 25.04
C VAL A 142 -12.13 4.88 25.03
N LEU A 143 -10.91 5.23 24.65
CA LEU A 143 -9.84 4.23 24.59
C LEU A 143 -9.46 3.70 25.96
N SER A 144 -9.55 4.52 27.00
CA SER A 144 -9.18 4.14 28.35
CA SER A 144 -9.16 4.05 28.32
C SER A 144 -10.30 3.44 29.10
N SER A 145 -11.48 3.33 28.50
CA SER A 145 -12.65 2.79 29.16
C SER A 145 -12.70 1.27 29.01
N ASP A 146 -13.54 0.62 29.83
CA ASP A 146 -13.73 -0.81 29.70
C ASP A 146 -14.35 -1.19 28.37
N SER A 147 -15.01 -0.25 27.70
CA SER A 147 -15.72 -0.50 26.46
C SER A 147 -14.89 -0.17 25.22
N TYR A 148 -13.57 -0.09 25.36
CA TYR A 148 -12.75 0.35 24.22
C TYR A 148 -12.90 -0.52 22.97
N PRO A 149 -13.19 -1.83 23.02
CA PRO A 149 -13.34 -2.58 21.75
C PRO A 149 -14.46 -2.07 20.88
N PHE A 150 -15.57 -1.61 21.47
CA PHE A 150 -16.64 -0.99 20.69
C PHE A 150 -16.14 0.24 19.94
N PHE A 151 -15.37 1.10 20.63
CA PHE A 151 -14.86 2.27 19.92
C PHE A 151 -13.89 1.87 18.84
N LEU A 152 -12.99 0.92 19.12
CA LEU A 152 -12.03 0.53 18.09
C LEU A 152 -12.74 0.04 16.85
N ASP A 153 -13.87 -0.66 17.04
CA ASP A 153 -14.64 -1.10 15.88
C ASP A 153 -15.27 0.10 15.18
N ALA A 154 -15.76 1.07 15.94
CA ALA A 154 -16.39 2.23 15.32
C ALA A 154 -15.40 3.13 14.60
N MET A 155 -14.14 3.10 14.99
CA MET A 155 -13.13 4.03 14.51
C MET A 155 -12.87 3.90 13.01
N TYR A 156 -12.97 2.70 12.45
CA TYR A 156 -12.66 2.52 11.04
C TYR A 156 -13.68 3.27 10.16
N GLY A 157 -13.19 3.94 9.14
CA GLY A 157 -14.02 4.69 8.23
C GLY A 157 -13.27 5.90 7.69
N ASP A 158 -13.68 6.35 6.50
CA ASP A 158 -13.04 7.48 5.85
C ASP A 158 -13.88 8.75 5.86
N MET A 159 -15.12 8.70 6.33
CA MET A 159 -16.00 9.85 6.45
C MET A 159 -16.57 9.97 7.86
N PRO A 160 -16.97 11.18 8.26
CA PRO A 160 -16.91 12.44 7.49
C PRO A 160 -15.47 12.92 7.43
N ASN A 161 -15.12 13.75 6.46
CA ASN A 161 -13.77 14.28 6.31
C ASN A 161 -13.73 15.79 6.49
N ASN A 162 -14.79 16.37 7.00
CA ASN A 162 -14.87 17.80 7.24
C ASN A 162 -15.30 18.05 8.67
N TRP A 163 -14.54 18.84 9.41
CA TRP A 163 -14.89 19.10 10.80
C TRP A 163 -16.06 20.07 10.91
N SER A 164 -16.93 19.82 11.88
CA SER A 164 -17.92 20.76 12.33
C SER A 164 -18.15 20.55 13.82
N PRO A 165 -18.30 21.62 14.60
CA PRO A 165 -18.70 21.43 16.00
C PRO A 165 -20.04 20.74 16.17
N GLU A 166 -20.86 20.67 15.11
CA GLU A 166 -22.13 19.97 15.17
C GLU A 166 -22.00 18.47 14.94
N LEU A 167 -20.83 17.98 14.57
CA LEU A 167 -20.65 16.53 14.37
C LEU A 167 -20.99 15.81 15.67
N ARG A 168 -21.66 14.66 15.55
CA ARG A 168 -22.06 13.90 16.72
C ARG A 168 -21.78 12.42 16.50
N GLY A 169 -21.61 11.70 17.61
CA GLY A 169 -21.59 10.25 17.54
C GLY A 169 -20.43 9.67 16.73
N LEU A 170 -20.76 8.60 15.99
CA LEU A 170 -19.73 7.82 15.31
C LEU A 170 -18.92 8.67 14.35
N GLY A 171 -19.60 9.53 13.58
CA GLY A 171 -18.88 10.38 12.63
C GLY A 171 -17.91 11.31 13.33
N ARG A 172 -18.31 11.86 14.47
CA ARG A 172 -17.41 12.72 15.23
C ARG A 172 -16.15 11.95 15.65
N LEU A 173 -16.35 10.75 16.23
CA LEU A 173 -15.17 9.98 16.67
C LEU A 173 -14.29 9.56 15.50
N ARG A 174 -14.90 9.16 14.38
CA ARG A 174 -14.12 8.76 13.22
C ARG A 174 -13.30 9.93 12.68
N PHE A 175 -13.91 11.12 12.57
CA PHE A 175 -13.14 12.27 12.11
C PHE A 175 -11.97 12.54 13.05
N ILE A 176 -12.25 12.54 14.36
CA ILE A 176 -11.18 12.84 15.32
C ILE A 176 -10.02 11.87 15.14
N THR A 177 -10.32 10.58 15.02
CA THR A 177 -9.29 9.55 14.88
C THR A 177 -8.50 9.76 13.60
N ASN A 178 -9.20 10.00 12.49
CA ASN A 178 -8.51 10.21 11.22
C ASN A 178 -7.62 11.46 11.24
N ALA A 179 -8.12 12.56 11.83
CA ALA A 179 -7.34 13.79 11.90
C ALA A 179 -6.06 13.60 12.72
N PHE A 180 -6.16 12.95 13.87
CA PHE A 180 -4.95 12.79 14.70
C PHE A 180 -4.00 11.72 14.16
N THR A 181 -4.48 10.65 13.52
CA THR A 181 -3.60 9.51 13.23
C THR A 181 -3.44 9.13 11.76
N ARG A 182 -4.22 9.70 10.85
CA ARG A 182 -4.12 9.29 9.44
C ARG A 182 -3.91 10.44 8.46
N MET A 183 -4.17 11.68 8.86
CA MET A 183 -4.12 12.86 8.02
C MET A 183 -2.78 12.99 7.28
N ARG A 184 -2.83 13.35 6.00
CA ARG A 184 -1.66 13.79 5.26
C ARG A 184 -2.08 15.02 4.43
N PHE A 185 -2.86 14.80 3.38
CA PHE A 185 -3.30 15.87 2.48
C PHE A 185 -4.66 16.42 2.85
N CYS A 186 -4.84 17.69 2.51
CA CYS A 186 -6.09 18.42 2.67
C CYS A 186 -6.52 19.02 1.34
N PHE A 187 -7.82 19.17 1.17
CA PHE A 187 -8.34 20.04 0.12
C PHE A 187 -8.20 21.49 0.58
N PRO A 188 -8.31 22.45 -0.34
CA PRO A 188 -8.08 23.86 0.04
C PRO A 188 -8.94 24.33 1.19
N ASN A 189 -10.15 23.78 1.37
CA ASN A 189 -10.98 24.20 2.50
C ASN A 189 -10.59 23.50 3.80
N GLY A 190 -9.52 22.70 3.81
CA GLY A 190 -9.10 22.01 5.01
C GLY A 190 -9.64 20.61 5.17
N GLN A 191 -10.53 20.18 4.28
CA GLN A 191 -11.13 18.85 4.35
C GLN A 191 -10.08 17.75 4.12
N LEU A 192 -10.17 16.67 4.89
CA LEU A 192 -9.20 15.60 4.81
C LEU A 192 -9.37 14.78 3.52
N ASP A 193 -8.24 14.43 2.90
CA ASP A 193 -8.20 13.39 1.88
C ASP A 193 -7.61 12.13 2.52
N MET A 194 -8.35 11.02 2.45
CA MET A 194 -7.92 9.78 3.11
CA MET A 194 -7.95 9.78 3.11
C MET A 194 -7.29 8.77 2.16
N TYR A 195 -6.97 9.17 0.93
CA TYR A 195 -6.44 8.21 -0.02
C TYR A 195 -4.99 8.45 -0.43
N SER A 196 -4.58 9.69 -0.66
CA SER A 196 -3.24 9.98 -1.14
C SER A 196 -2.20 9.86 -0.02
N LYS A 197 -1.16 9.08 -0.26
CA LYS A 197 -0.08 8.87 0.69
C LYS A 197 1.26 9.23 0.06
N GLU A 198 1.21 9.89 -1.09
CA GLU A 198 2.43 10.25 -1.79
C GLU A 198 3.08 11.47 -1.17
N SER A 199 4.26 11.80 -1.70
CA SER A 199 4.94 13.01 -1.29
C SER A 199 4.20 14.20 -1.89
N PRO A 200 4.37 15.39 -1.27
CA PRO A 200 3.63 16.57 -1.74
C PRO A 200 3.86 16.83 -3.22
N GLU A 201 5.08 16.60 -3.71
CA GLU A 201 5.36 16.89 -5.13
C GLU A 201 4.70 15.90 -6.08
N GLU A 202 4.33 14.73 -5.60
CA GLU A 202 3.79 13.64 -6.39
C GLU A 202 2.27 13.55 -6.29
N ALA A 203 1.64 14.37 -5.46
CA ALA A 203 0.22 14.27 -5.21
C ALA A 203 -0.59 14.99 -6.28
N PRO A 204 -1.83 14.59 -6.49
CA PRO A 204 -2.68 15.28 -7.48
C PRO A 204 -3.28 16.57 -6.94
N ALA A 205 -3.38 17.56 -7.82
CA ALA A 205 -4.08 18.79 -7.45
C ALA A 205 -5.55 18.49 -7.16
N PRO A 206 -6.21 19.31 -6.33
CA PRO A 206 -5.70 20.49 -5.65
C PRO A 206 -5.19 20.13 -4.24
N LEU A 207 -4.71 18.90 -4.04
CA LEU A 207 -4.33 18.46 -2.70
C LEU A 207 -3.05 19.16 -2.26
N LYS A 208 -3.03 19.59 -0.99
CA LYS A 208 -1.87 20.21 -0.37
C LYS A 208 -1.64 19.60 1.01
N PRO A 209 -0.40 19.61 1.50
CA PRO A 209 -0.15 19.14 2.86
C PRO A 209 -0.98 19.91 3.86
N TRP A 210 -1.43 19.20 4.91
CA TRP A 210 -2.19 19.85 5.96
C TRP A 210 -1.44 21.05 6.52
N PHE A 211 -0.11 20.97 6.58
CA PHE A 211 0.68 22.06 7.15
C PHE A 211 0.89 23.21 6.18
N ALA A 212 0.49 23.08 4.92
CA ALA A 212 0.56 24.17 3.95
C ALA A 212 -0.67 25.07 3.99
N ILE A 213 -1.66 24.74 4.81
CA ILE A 213 -2.87 25.52 4.99
C ILE A 213 -2.80 26.19 6.35
N PRO A 214 -2.78 27.52 6.43
CA PRO A 214 -2.63 28.19 7.73
C PRO A 214 -3.76 27.83 8.68
N GLY A 215 -3.38 27.36 9.86
CA GLY A 215 -4.35 27.03 10.89
C GLY A 215 -4.00 27.73 12.18
N PRO A 216 -4.98 27.88 13.07
CA PRO A 216 -4.72 28.67 14.29
C PRO A 216 -3.70 28.05 15.22
N VAL A 217 -3.60 26.72 15.30
CA VAL A 217 -2.62 26.12 16.20
C VAL A 217 -1.22 26.39 15.69
N ALA A 218 -1.00 26.14 14.41
CA ALA A 218 0.33 26.33 13.82
C ALA A 218 0.77 27.78 13.84
N GLU A 219 -0.16 28.73 13.92
CA GLU A 219 0.22 30.14 14.00
C GLU A 219 0.79 30.50 15.36
N GLU A 220 0.44 29.76 16.40
CA GLU A 220 0.90 30.05 17.74
C GLU A 220 1.89 29.02 18.31
N TYR A 221 1.89 27.79 17.80
CA TYR A 221 2.67 26.71 18.38
C TYR A 221 3.53 26.07 17.30
N SER A 222 4.70 25.57 17.70
CA SER A 222 5.39 24.60 16.86
C SER A 222 4.63 23.27 16.92
N ILE A 223 4.67 22.53 15.81
CA ILE A 223 4.01 21.23 15.75
C ILE A 223 5.02 20.18 15.31
N ALA A 224 5.21 19.14 16.13
CA ALA A 224 6.00 17.99 15.76
C ALA A 224 5.07 16.82 15.48
N PHE A 225 5.39 16.04 14.45
CA PHE A 225 4.54 14.92 14.07
C PHE A 225 5.39 13.86 13.38
N GLY A 226 4.82 12.67 13.21
CA GLY A 226 5.51 11.62 12.49
C GLY A 226 4.69 11.16 11.30
N HIS A 227 4.38 9.85 11.22
CA HIS A 227 3.36 9.33 10.30
C HIS A 227 3.66 9.37 8.80
N TRP A 228 4.00 10.53 8.26
CA TRP A 228 4.05 10.75 6.81
C TRP A 228 5.44 10.38 6.27
N ALA A 229 5.68 9.08 6.11
CA ALA A 229 7.03 8.64 5.76
C ALA A 229 7.47 9.15 4.38
N SER A 230 6.54 9.24 3.43
CA SER A 230 6.93 9.67 2.07
C SER A 230 7.32 11.15 2.01
N LEU A 231 7.07 11.90 3.08
CA LEU A 231 7.55 13.27 3.19
C LEU A 231 9.04 13.32 3.48
N GLU A 232 9.60 12.22 4.01
CA GLU A 232 11.02 12.08 4.27
C GLU A 232 11.54 13.17 5.22
N GLY A 233 10.65 13.72 6.04
CA GLY A 233 11.04 14.75 7.00
C GLY A 233 11.47 16.08 6.40
N LYS A 234 11.13 16.34 5.14
CA LYS A 234 11.60 17.49 4.40
C LYS A 234 10.42 18.30 3.90
N GLY A 235 10.69 19.53 3.48
CA GLY A 235 9.70 20.34 2.82
C GLY A 235 8.66 20.96 3.72
N THR A 236 8.96 21.15 5.00
CA THR A 236 7.96 21.72 5.90
C THR A 236 8.27 23.18 6.18
N PRO A 237 7.25 23.97 6.52
CA PRO A 237 7.49 25.38 6.89
C PRO A 237 8.20 25.50 8.23
N GLU A 238 8.67 26.71 8.52
CA GLU A 238 9.21 27.01 9.84
C GLU A 238 8.16 26.68 10.91
N GLY A 239 8.61 26.07 12.01
CA GLY A 239 7.71 25.71 13.09
C GLY A 239 7.01 24.36 12.94
N ILE A 240 7.24 23.65 11.84
CA ILE A 240 6.64 22.35 11.58
C ILE A 240 7.76 21.35 11.47
N TYR A 241 7.73 20.29 12.30
CA TYR A 241 8.81 19.29 12.40
C TYR A 241 8.27 17.91 12.05
N ALA A 242 8.63 17.44 10.84
CA ALA A 242 8.21 16.12 10.36
C ALA A 242 9.31 15.14 10.71
N LEU A 243 9.09 14.35 11.77
CA LEU A 243 10.13 13.51 12.34
C LEU A 243 10.18 12.09 11.76
N ASP A 244 9.20 11.68 10.97
CA ASP A 244 9.18 10.30 10.48
C ASP A 244 10.02 10.18 9.21
N THR A 245 11.23 9.66 9.34
CA THR A 245 12.12 9.47 8.20
C THR A 245 12.21 7.99 7.78
N GLY A 246 11.21 7.19 8.12
CA GLY A 246 11.07 5.86 7.53
C GLY A 246 12.03 4.77 8.00
N CYS A 247 12.35 4.72 9.29
CA CYS A 247 13.30 3.72 9.76
C CYS A 247 12.90 2.30 9.35
N CYS A 248 11.64 1.93 9.61
CA CYS A 248 11.21 0.56 9.28
C CYS A 248 11.30 0.28 7.78
N TRP A 249 11.35 1.32 6.95
CA TRP A 249 11.39 1.19 5.50
C TRP A 249 12.80 1.13 4.94
N GLY A 250 13.82 1.07 5.78
CA GLY A 250 15.19 1.20 5.31
C GLY A 250 15.69 2.62 5.24
N GLY A 251 14.93 3.58 5.75
CA GLY A 251 15.39 4.94 5.85
C GLY A 251 16.22 5.14 7.10
N THR A 252 15.81 6.08 7.95
CA THR A 252 16.55 6.41 9.16
C THR A 252 15.58 6.69 10.29
N LEU A 253 16.09 6.58 11.52
CA LEU A 253 15.39 7.07 12.69
C LEU A 253 15.97 8.44 13.04
N THR A 254 15.10 9.43 13.21
CA THR A 254 15.52 10.80 13.48
C THR A 254 15.16 11.22 14.90
N CYS A 255 16.10 11.91 15.54
CA CYS A 255 15.90 12.48 16.86
C CYS A 255 16.22 13.98 16.77
N LEU A 256 15.33 14.80 17.29
CA LEU A 256 15.52 16.25 17.34
C LEU A 256 15.68 16.65 18.79
N ARG A 257 16.78 17.32 19.13
CA ARG A 257 16.90 17.91 20.45
C ARG A 257 16.31 19.32 20.43
N TRP A 258 15.32 19.57 21.31
CA TRP A 258 14.52 20.79 21.22
C TRP A 258 15.32 22.04 21.57
N GLU A 259 16.22 21.96 22.57
CA GLU A 259 16.86 23.17 23.08
C GLU A 259 17.68 23.88 22.02
N ASP A 260 18.38 23.13 21.17
CA ASP A 260 19.18 23.73 20.12
C ASP A 260 18.73 23.33 18.72
N LYS A 261 17.60 22.64 18.61
CA LYS A 261 17.09 22.16 17.32
C LYS A 261 18.16 21.36 16.59
N GLN A 262 18.87 20.52 17.32
CA GLN A 262 19.93 19.74 16.69
C GLN A 262 19.40 18.35 16.35
N TYR A 263 19.67 17.88 15.12
CA TYR A 263 19.22 16.58 14.66
C TYR A 263 20.32 15.53 14.81
N PHE A 264 19.91 14.33 15.22
CA PHE A 264 20.75 13.14 15.30
C PHE A 264 20.04 12.03 14.54
N VAL A 265 20.79 11.26 13.76
CA VAL A 265 20.17 10.26 12.89
C VAL A 265 20.80 8.90 13.12
N GLN A 266 19.98 7.86 13.08
CA GLN A 266 20.42 6.49 13.19
C GLN A 266 20.03 5.74 11.92
N PRO A 267 20.98 5.23 11.15
CA PRO A 267 20.63 4.50 9.94
C PRO A 267 19.86 3.23 10.26
N SER A 268 18.94 2.88 9.36
CA SER A 268 18.22 1.62 9.48
C SER A 268 19.20 0.45 9.38
N ASN A 269 18.96 -0.60 10.17
CA ASN A 269 19.74 -1.84 10.08
C ASN A 269 19.25 -2.78 8.99
N ARG A 270 18.06 -2.53 8.44
CA ARG A 270 17.47 -3.38 7.42
C ARG A 270 18.18 -3.26 6.07
N ALA B 2 5.77 -18.95 -34.67
CA ALA B 2 6.26 -19.22 -33.32
C ALA B 2 5.42 -18.48 -32.31
N THR B 3 5.53 -18.90 -31.06
CA THR B 3 4.78 -18.33 -29.94
C THR B 3 5.74 -17.72 -28.93
N TYR B 4 5.54 -16.45 -28.60
CA TYR B 4 6.39 -15.73 -27.66
C TYR B 4 5.55 -15.24 -26.49
N LEU B 5 6.07 -15.37 -25.28
CA LEU B 5 5.42 -14.87 -24.08
C LEU B 5 6.35 -13.86 -23.43
N ILE B 6 5.86 -12.65 -23.20
CA ILE B 6 6.67 -11.59 -22.59
C ILE B 6 6.00 -11.10 -21.32
N GLY B 7 6.81 -10.81 -20.29
CA GLY B 7 6.32 -10.33 -19.00
C GLY B 7 6.01 -8.83 -19.01
N ASP B 8 5.79 -8.28 -17.80
CA ASP B 8 5.34 -6.88 -17.67
C ASP B 8 6.22 -5.91 -18.43
N VAL B 9 5.61 -5.17 -19.34
CA VAL B 9 6.32 -4.20 -20.18
C VAL B 9 6.43 -2.83 -19.48
N HIS B 10 5.40 -2.40 -18.75
CA HIS B 10 5.45 -1.16 -17.96
C HIS B 10 6.01 0.02 -18.74
N GLY B 11 5.43 0.27 -19.91
CA GLY B 11 5.86 1.43 -20.68
C GLY B 11 7.26 1.38 -21.26
N CYS B 12 7.93 0.22 -21.20
CA CYS B 12 9.29 0.10 -21.74
C CYS B 12 9.21 -0.29 -23.22
N TYR B 13 8.73 0.66 -24.02
CA TYR B 13 8.48 0.41 -25.43
C TYR B 13 9.76 0.04 -26.18
N ASP B 14 10.85 0.80 -25.96
CA ASP B 14 12.08 0.54 -26.71
C ASP B 14 12.61 -0.87 -26.43
N GLU B 15 12.57 -1.28 -25.16
CA GLU B 15 13.03 -2.62 -24.80
C GLU B 15 12.15 -3.69 -25.44
N LEU B 16 10.83 -3.48 -25.45
CA LEU B 16 9.94 -4.43 -26.07
C LEU B 16 10.26 -4.62 -27.54
N ILE B 17 10.41 -3.50 -28.27
CA ILE B 17 10.70 -3.59 -29.70
C ILE B 17 12.06 -4.25 -29.92
N ALA B 18 13.06 -3.92 -29.11
CA ALA B 18 14.37 -4.53 -29.29
C ALA B 18 14.28 -6.04 -29.09
N LEU B 19 13.52 -6.48 -28.09
CA LEU B 19 13.35 -7.91 -27.83
C LEU B 19 12.61 -8.60 -28.98
N LEU B 20 11.56 -7.97 -29.50
CA LEU B 20 10.82 -8.57 -30.61
C LEU B 20 11.65 -8.62 -31.88
N HIS B 21 12.49 -7.60 -32.12
CA HIS B 21 13.36 -7.64 -33.29
C HIS B 21 14.41 -8.73 -33.13
N LYS B 22 14.88 -8.95 -31.89
CA LYS B 22 15.85 -10.02 -31.63
C LYS B 22 15.31 -11.38 -32.06
N VAL B 23 14.04 -11.68 -31.74
CA VAL B 23 13.46 -12.97 -32.12
C VAL B 23 12.80 -12.91 -33.49
N GLU B 24 12.88 -11.77 -34.17
CA GLU B 24 12.29 -11.58 -35.49
C GLU B 24 10.79 -11.86 -35.46
N PHE B 25 10.12 -11.28 -34.47
CA PHE B 25 8.67 -11.44 -34.35
C PHE B 25 7.96 -10.94 -35.58
N THR B 26 7.09 -11.78 -36.14
CA THR B 26 6.42 -11.49 -37.41
C THR B 26 4.93 -11.73 -37.30
N PRO B 27 4.12 -10.68 -37.10
CA PRO B 27 2.66 -10.86 -37.03
C PRO B 27 2.16 -11.62 -38.26
N GLY B 28 1.19 -12.51 -38.04
CA GLY B 28 0.68 -13.36 -39.08
C GLY B 28 1.32 -14.73 -39.13
N LYS B 29 2.60 -14.82 -38.79
CA LYS B 29 3.30 -16.08 -38.59
C LYS B 29 3.48 -16.39 -37.10
N ASP B 30 3.57 -15.36 -36.26
CA ASP B 30 3.88 -15.52 -34.86
C ASP B 30 2.76 -14.92 -34.02
N THR B 31 2.67 -15.39 -32.77
CA THR B 31 1.73 -14.86 -31.80
C THR B 31 2.49 -14.44 -30.56
N LEU B 32 2.12 -13.29 -30.00
CA LEU B 32 2.76 -12.75 -28.81
C LEU B 32 1.75 -12.78 -27.67
N TRP B 33 2.13 -13.37 -26.54
CA TRP B 33 1.35 -13.34 -25.30
C TRP B 33 2.00 -12.34 -24.37
N LEU B 34 1.19 -11.47 -23.76
CA LEU B 34 1.70 -10.44 -22.84
C LEU B 34 1.00 -10.59 -21.51
N THR B 35 1.76 -10.60 -20.41
CA THR B 35 1.21 -10.83 -19.08
C THR B 35 0.50 -9.63 -18.48
N GLY B 36 0.34 -8.52 -19.20
CA GLY B 36 -0.32 -7.37 -18.64
C GLY B 36 0.65 -6.43 -17.95
N ASP B 37 0.10 -5.39 -17.32
CA ASP B 37 0.93 -4.29 -16.83
C ASP B 37 1.74 -3.70 -17.98
N LEU B 38 1.03 -3.35 -19.05
CA LEU B 38 1.60 -2.74 -20.24
C LEU B 38 2.07 -1.32 -20.00
N VAL B 39 1.53 -0.64 -18.98
CA VAL B 39 1.65 0.80 -18.81
C VAL B 39 2.21 1.10 -17.43
N ALA B 40 2.57 2.37 -17.23
CA ALA B 40 3.06 2.94 -15.97
C ALA B 40 4.54 2.69 -15.73
N ARG B 41 5.16 3.64 -15.02
CA ARG B 41 6.57 3.62 -14.63
C ARG B 41 7.53 3.89 -15.77
N GLY B 42 7.51 3.06 -16.81
CA GLY B 42 8.34 3.32 -17.96
C GLY B 42 7.84 4.53 -18.72
N PRO B 43 8.65 5.03 -19.66
CA PRO B 43 8.31 6.29 -20.33
C PRO B 43 7.35 6.16 -21.49
N GLY B 44 7.12 4.96 -22.02
CA GLY B 44 6.40 4.87 -23.28
C GLY B 44 5.07 4.13 -23.26
N SER B 45 4.23 4.35 -22.24
CA SER B 45 2.95 3.65 -22.18
C SER B 45 2.10 3.92 -23.42
N LEU B 46 2.13 5.17 -23.90
CA LEU B 46 1.33 5.51 -25.09
C LEU B 46 1.78 4.70 -26.30
N ASP B 47 3.10 4.62 -26.51
CA ASP B 47 3.64 3.85 -27.63
C ASP B 47 3.31 2.37 -27.48
N VAL B 48 3.41 1.82 -26.26
CA VAL B 48 3.10 0.41 -26.04
C VAL B 48 1.65 0.14 -26.40
N LEU B 49 0.71 0.95 -25.91
CA LEU B 49 -0.69 0.67 -26.22
C LEU B 49 -0.96 0.79 -27.72
N ARG B 50 -0.41 1.82 -28.38
CA ARG B 50 -0.61 1.96 -29.82
C ARG B 50 -0.12 0.72 -30.57
N TYR B 51 1.10 0.29 -30.27
CA TYR B 51 1.68 -0.87 -30.94
C TYR B 51 0.88 -2.14 -30.66
N VAL B 52 0.62 -2.43 -29.38
CA VAL B 52 -0.06 -3.68 -29.05
C VAL B 52 -1.44 -3.73 -29.68
N LYS B 53 -2.18 -2.61 -29.64
CA LYS B 53 -3.48 -2.59 -30.30
C LYS B 53 -3.34 -2.83 -31.80
N SER B 54 -2.30 -2.27 -32.42
CA SER B 54 -2.14 -2.48 -33.86
C SER B 54 -1.88 -3.94 -34.20
N LEU B 55 -1.41 -4.76 -33.24
CA LEU B 55 -1.13 -6.16 -33.57
C LEU B 55 -2.38 -7.02 -33.77
N GLY B 56 -3.54 -6.58 -33.29
CA GLY B 56 -4.76 -7.35 -33.52
C GLY B 56 -4.67 -8.77 -32.99
N ASP B 57 -5.06 -9.74 -33.81
CA ASP B 57 -5.07 -11.17 -33.44
C ASP B 57 -3.69 -11.77 -33.21
N SER B 58 -2.62 -11.05 -33.56
CA SER B 58 -1.29 -11.58 -33.31
C SER B 58 -0.83 -11.37 -31.88
N VAL B 59 -1.67 -10.79 -31.02
CA VAL B 59 -1.33 -10.64 -29.61
C VAL B 59 -2.47 -11.18 -28.75
N ARG B 60 -2.11 -11.87 -27.68
CA ARG B 60 -3.02 -12.37 -26.66
C ARG B 60 -2.61 -11.74 -25.34
N LEU B 61 -3.40 -10.76 -24.90
CA LEU B 61 -3.11 -9.96 -23.72
C LEU B 61 -3.97 -10.40 -22.54
N VAL B 62 -3.45 -10.24 -21.33
CA VAL B 62 -4.30 -10.24 -20.14
C VAL B 62 -4.08 -8.92 -19.41
N LEU B 63 -5.13 -8.43 -18.76
CA LEU B 63 -4.99 -7.15 -18.05
C LEU B 63 -4.33 -7.36 -16.68
N GLY B 64 -3.48 -6.41 -16.29
CA GLY B 64 -2.84 -6.41 -14.99
C GLY B 64 -3.40 -5.30 -14.10
N ASN B 65 -2.89 -5.24 -12.87
CA ASN B 65 -3.40 -4.26 -11.92
C ASN B 65 -3.11 -2.82 -12.36
N HIS B 66 -1.98 -2.57 -13.03
CA HIS B 66 -1.69 -1.21 -13.51
C HIS B 66 -2.52 -0.83 -14.73
N ASP B 67 -2.89 -1.81 -15.56
CA ASP B 67 -3.84 -1.55 -16.64
C ASP B 67 -5.21 -1.13 -16.06
N LEU B 68 -5.70 -1.87 -15.06
CA LEU B 68 -6.97 -1.51 -14.44
C LEU B 68 -6.88 -0.15 -13.74
N HIS B 69 -5.74 0.14 -13.09
CA HIS B 69 -5.59 1.47 -12.49
C HIS B 69 -5.63 2.56 -13.55
N LEU B 70 -4.96 2.34 -14.69
CA LEU B 70 -5.05 3.32 -15.78
C LEU B 70 -6.50 3.54 -16.19
N LEU B 71 -7.26 2.45 -16.33
CA LEU B 71 -8.66 2.59 -16.70
C LEU B 71 -9.43 3.38 -15.65
N ALA B 72 -9.11 3.18 -14.36
CA ALA B 72 -9.79 3.92 -13.30
C ALA B 72 -9.47 5.41 -13.39
N VAL B 73 -8.23 5.75 -13.70
CA VAL B 73 -7.89 7.17 -13.85
C VAL B 73 -8.63 7.76 -15.05
N PHE B 74 -8.64 7.01 -16.15
CA PHE B 74 -9.31 7.45 -17.36
C PHE B 74 -10.79 7.72 -17.09
N ALA B 75 -11.43 6.89 -16.29
CA ALA B 75 -12.84 7.02 -15.99
C ALA B 75 -13.13 8.05 -14.90
N GLY B 76 -12.12 8.71 -14.35
CA GLY B 76 -12.35 9.68 -13.29
C GLY B 76 -12.62 9.07 -11.93
N ILE B 77 -12.38 7.78 -11.77
CA ILE B 77 -12.56 7.08 -10.52
C ILE B 77 -11.38 7.30 -9.59
N SER B 78 -10.18 7.36 -10.15
CA SER B 78 -8.95 7.46 -9.38
C SER B 78 -8.16 8.64 -9.94
N ARG B 79 -7.32 9.23 -9.10
CA ARG B 79 -6.58 10.41 -9.50
C ARG B 79 -5.25 10.05 -10.13
N ASN B 80 -4.90 10.80 -11.17
CA ASN B 80 -3.65 10.56 -11.88
C ASN B 80 -2.46 11.01 -11.04
N LYS B 81 -1.53 10.08 -10.78
CA LYS B 81 -0.29 10.41 -10.11
C LYS B 81 0.78 10.70 -11.16
N PRO B 82 1.36 11.90 -11.21
CA PRO B 82 2.31 12.22 -12.29
C PRO B 82 3.45 11.23 -12.44
N LYS B 83 3.96 10.70 -11.33
CA LYS B 83 5.11 9.82 -11.38
C LYS B 83 4.83 8.53 -12.16
N ASP B 84 3.56 8.15 -12.33
CA ASP B 84 3.25 6.96 -13.11
C ASP B 84 3.54 7.12 -14.58
N ARG B 85 3.67 8.36 -15.05
CA ARG B 85 4.00 8.68 -16.44
CA ARG B 85 4.00 8.65 -16.44
C ARG B 85 2.88 8.25 -17.39
N LEU B 86 1.64 8.38 -16.94
CA LEU B 86 0.49 8.08 -17.79
C LEU B 86 -0.08 9.31 -18.47
N THR B 87 0.39 10.50 -18.11
CA THR B 87 -0.26 11.71 -18.63
C THR B 87 -0.18 11.81 -20.15
N PRO B 88 0.94 11.50 -20.81
CA PRO B 88 0.94 11.56 -22.28
C PRO B 88 -0.14 10.70 -22.90
N LEU B 89 -0.34 9.49 -22.35
CA LEU B 89 -1.39 8.60 -22.83
C LEU B 89 -2.78 9.19 -22.55
N LEU B 90 -3.01 9.64 -21.32
CA LEU B 90 -4.33 10.17 -21.00
C LEU B 90 -4.67 11.41 -21.84
N GLU B 91 -3.67 12.20 -22.22
CA GLU B 91 -3.89 13.44 -22.97
C GLU B 91 -3.80 13.25 -24.48
N ALA B 92 -3.56 12.02 -24.96
CA ALA B 92 -3.41 11.76 -26.38
C ALA B 92 -4.74 11.91 -27.10
N PRO B 93 -4.73 12.37 -28.36
CA PRO B 93 -6.00 12.48 -29.10
C PRO B 93 -6.67 11.14 -29.32
N ASP B 94 -5.92 10.04 -29.33
CA ASP B 94 -6.51 8.72 -29.48
C ASP B 94 -6.71 8.03 -28.14
N ALA B 95 -6.69 8.77 -27.02
CA ALA B 95 -6.83 8.13 -25.72
C ALA B 95 -8.12 7.31 -25.64
N ASP B 96 -9.25 7.87 -26.09
CA ASP B 96 -10.50 7.15 -26.02
C ASP B 96 -10.44 5.84 -26.78
N GLU B 97 -9.91 5.88 -28.02
CA GLU B 97 -9.83 4.64 -28.80
C GLU B 97 -8.94 3.60 -28.11
N LEU B 98 -7.79 4.04 -27.59
CA LEU B 98 -6.87 3.10 -26.95
C LEU B 98 -7.47 2.51 -25.68
N LEU B 99 -8.11 3.34 -24.85
CA LEU B 99 -8.55 2.85 -23.55
C LEU B 99 -9.87 2.08 -23.64
N ASN B 100 -10.75 2.43 -24.59
CA ASN B 100 -11.91 1.60 -24.84
C ASN B 100 -11.52 0.26 -25.43
N TRP B 101 -10.43 0.20 -26.22
CA TRP B 101 -9.90 -1.10 -26.62
C TRP B 101 -9.32 -1.85 -25.42
N LEU B 102 -8.57 -1.17 -24.56
CA LEU B 102 -7.90 -1.86 -23.46
C LEU B 102 -8.91 -2.52 -22.53
N ARG B 103 -10.01 -1.81 -22.23
CA ARG B 103 -10.96 -2.37 -21.27
C ARG B 103 -11.74 -3.56 -21.80
N ARG B 104 -11.65 -3.84 -23.11
CA ARG B 104 -12.29 -5.01 -23.71
C ARG B 104 -11.36 -6.22 -23.73
N GLN B 105 -10.15 -6.11 -23.18
CA GLN B 105 -9.22 -7.25 -23.30
C GLN B 105 -9.43 -8.25 -22.16
N PRO B 106 -9.00 -9.50 -22.34
CA PRO B 106 -9.28 -10.54 -21.33
C PRO B 106 -8.48 -10.38 -20.04
N LEU B 107 -8.98 -11.06 -19.01
CA LEU B 107 -8.22 -11.29 -17.77
C LEU B 107 -7.50 -12.62 -17.77
N LEU B 108 -7.85 -13.51 -18.70
CA LEU B 108 -7.40 -14.90 -18.70
C LEU B 108 -7.29 -15.36 -20.14
N GLN B 109 -6.17 -16.00 -20.49
CA GLN B 109 -5.99 -16.58 -21.81
C GLN B 109 -5.75 -18.08 -21.63
N ILE B 110 -6.42 -18.90 -22.43
CA ILE B 110 -6.27 -20.36 -22.38
C ILE B 110 -6.03 -20.87 -23.79
N ASP B 111 -5.00 -21.68 -23.96
CA ASP B 111 -4.73 -22.37 -25.23
C ASP B 111 -4.72 -23.86 -24.94
N GLU B 112 -5.74 -24.57 -25.44
CA GLU B 112 -5.90 -25.99 -25.13
C GLU B 112 -4.87 -26.82 -25.87
N GLU B 113 -4.47 -26.41 -27.08
CA GLU B 113 -3.47 -27.15 -27.85
C GLU B 113 -2.09 -27.06 -27.22
N LYS B 114 -1.78 -25.93 -26.57
CA LYS B 114 -0.52 -25.82 -25.84
C LYS B 114 -0.65 -26.27 -24.40
N LYS B 115 -1.87 -26.53 -23.92
CA LYS B 115 -2.15 -26.76 -22.51
C LYS B 115 -1.52 -25.65 -21.68
N LEU B 116 -1.88 -24.42 -22.02
CA LEU B 116 -1.21 -23.23 -21.47
C LEU B 116 -2.26 -22.23 -21.02
N VAL B 117 -2.09 -21.74 -19.79
CA VAL B 117 -2.96 -20.73 -19.20
C VAL B 117 -2.11 -19.51 -18.82
N MET B 118 -2.65 -18.32 -19.07
CA MET B 118 -2.02 -17.07 -18.64
C MET B 118 -3.00 -16.14 -17.95
N ALA B 119 -2.55 -15.55 -16.84
CA ALA B 119 -3.22 -14.44 -16.17
C ALA B 119 -2.12 -13.58 -15.57
N HIS B 120 -2.45 -12.36 -15.20
CA HIS B 120 -1.41 -11.43 -14.77
C HIS B 120 -0.69 -11.96 -13.53
N ALA B 121 -1.45 -12.34 -12.50
CA ALA B 121 -0.86 -12.76 -11.22
C ALA B 121 -0.78 -14.26 -11.07
N GLY B 122 -1.47 -15.03 -11.90
CA GLY B 122 -1.48 -16.48 -11.75
C GLY B 122 -2.89 -16.99 -11.58
N ILE B 123 -3.05 -18.24 -11.11
CA ILE B 123 -4.35 -18.86 -10.86
C ILE B 123 -4.38 -19.24 -9.39
N THR B 124 -5.29 -18.66 -8.62
CA THR B 124 -5.33 -19.03 -7.23
C THR B 124 -5.56 -20.54 -7.10
N PRO B 125 -4.88 -21.21 -6.16
CA PRO B 125 -5.15 -22.65 -5.97
C PRO B 125 -6.58 -22.94 -5.53
N GLN B 126 -7.36 -21.92 -5.15
CA GLN B 126 -8.75 -22.19 -4.78
C GLN B 126 -9.66 -22.32 -5.98
N TRP B 127 -9.15 -22.14 -7.20
CA TRP B 127 -9.95 -22.18 -8.42
C TRP B 127 -9.57 -23.38 -9.28
N ASP B 128 -10.58 -24.09 -9.77
CA ASP B 128 -10.35 -24.97 -10.92
C ASP B 128 -10.54 -24.17 -12.22
N LEU B 129 -10.27 -24.81 -13.35
CA LEU B 129 -10.28 -24.10 -14.62
C LEU B 129 -11.65 -23.54 -14.93
N GLN B 130 -12.70 -24.34 -14.73
CA GLN B 130 -14.03 -23.86 -15.07
C GLN B 130 -14.41 -22.63 -14.26
N THR B 131 -14.06 -22.60 -12.97
CA THR B 131 -14.35 -21.43 -12.16
C THR B 131 -13.54 -20.21 -12.61
N ALA B 132 -12.24 -20.41 -12.87
CA ALA B 132 -11.43 -19.30 -13.37
C ALA B 132 -12.03 -18.73 -14.65
N LYS B 133 -12.49 -19.59 -15.55
CA LYS B 133 -13.12 -19.11 -16.78
C LYS B 133 -14.36 -18.30 -16.49
N GLU B 134 -15.25 -18.83 -15.64
CA GLU B 134 -16.48 -18.10 -15.35
C GLU B 134 -16.17 -16.75 -14.70
N CYS B 135 -15.23 -16.71 -13.78
CA CYS B 135 -14.89 -15.47 -13.10
C CYS B 135 -14.29 -14.45 -14.06
N ALA B 136 -13.39 -14.90 -14.94
CA ALA B 136 -12.84 -14.02 -15.96
C ALA B 136 -13.95 -13.45 -16.85
N ARG B 137 -14.87 -14.29 -17.30
CA ARG B 137 -15.98 -13.80 -18.12
CA ARG B 137 -15.95 -13.77 -18.13
C ARG B 137 -16.81 -12.76 -17.39
N ASP B 138 -17.07 -12.97 -16.11
CA ASP B 138 -17.92 -12.01 -15.39
C ASP B 138 -17.25 -10.64 -15.29
N VAL B 139 -15.96 -10.60 -14.94
CA VAL B 139 -15.32 -9.30 -14.79
C VAL B 139 -15.09 -8.66 -16.15
N GLU B 140 -14.72 -9.46 -17.17
CA GLU B 140 -14.58 -8.94 -18.52
C GLU B 140 -15.90 -8.34 -19.00
N ALA B 141 -17.02 -8.95 -18.62
CA ALA B 141 -18.32 -8.42 -19.02
C ALA B 141 -18.56 -7.05 -18.40
N VAL B 142 -18.22 -6.86 -17.12
CA VAL B 142 -18.45 -5.53 -16.55
C VAL B 142 -17.46 -4.49 -17.12
N LEU B 143 -16.21 -4.89 -17.39
CA LEU B 143 -15.24 -3.94 -17.93
C LEU B 143 -15.61 -3.49 -19.34
N SER B 144 -16.20 -4.37 -20.12
CA SER B 144 -16.60 -4.08 -21.49
CA SER B 144 -16.57 -4.02 -21.49
C SER B 144 -17.94 -3.35 -21.58
N SER B 145 -18.63 -3.20 -20.45
CA SER B 145 -19.97 -2.62 -20.44
C SER B 145 -19.91 -1.10 -20.33
N ASP B 146 -21.05 -0.45 -20.65
CA ASP B 146 -21.12 0.99 -20.51
C ASP B 146 -20.97 1.43 -19.06
N SER B 147 -21.20 0.54 -18.11
CA SER B 147 -21.15 0.90 -16.70
C SER B 147 -19.78 0.63 -16.07
N TYR B 148 -18.73 0.46 -16.87
CA TYR B 148 -17.45 0.07 -16.31
C TYR B 148 -16.91 1.02 -15.25
N PRO B 149 -17.18 2.34 -15.25
CA PRO B 149 -16.62 3.19 -14.17
C PRO B 149 -17.13 2.79 -12.79
N PHE B 150 -18.41 2.45 -12.73
CA PHE B 150 -18.99 1.95 -11.48
CA PHE B 150 -18.98 1.96 -11.49
C PHE B 150 -18.25 0.71 -11.01
N PHE B 151 -17.95 -0.22 -11.91
CA PHE B 151 -17.23 -1.42 -11.51
CA PHE B 151 -17.26 -1.41 -11.47
C PHE B 151 -15.80 -1.10 -11.10
N LEU B 152 -15.13 -0.22 -11.84
CA LEU B 152 -13.76 0.12 -11.48
C LEU B 152 -13.72 0.71 -10.08
N ASP B 153 -14.72 1.50 -9.71
CA ASP B 153 -14.77 2.04 -8.35
C ASP B 153 -15.05 0.92 -7.36
N ALA B 154 -15.94 -0.03 -7.72
CA ALA B 154 -16.28 -1.12 -6.83
C ALA B 154 -15.14 -2.12 -6.64
N MET B 155 -14.22 -2.21 -7.60
CA MET B 155 -13.17 -3.23 -7.57
CA MET B 155 -13.22 -3.26 -7.55
C MET B 155 -12.19 -3.04 -6.44
N TYR B 156 -12.05 -1.81 -5.94
CA TYR B 156 -11.07 -1.52 -4.88
C TYR B 156 -11.49 -2.20 -3.57
N GLY B 157 -10.55 -2.85 -2.92
CA GLY B 157 -10.81 -3.50 -1.65
C GLY B 157 -9.89 -4.70 -1.48
N ASP B 158 -9.64 -5.06 -0.22
CA ASP B 158 -8.75 -6.16 0.10
C ASP B 158 -9.47 -7.40 0.63
N MET B 159 -10.78 -7.35 0.83
CA MET B 159 -11.63 -8.46 1.25
C MET B 159 -12.80 -8.62 0.30
N PRO B 160 -13.37 -9.82 0.23
CA PRO B 160 -12.97 -11.05 0.95
C PRO B 160 -11.71 -11.66 0.35
N ASN B 161 -10.97 -12.48 1.08
CA ASN B 161 -9.74 -13.09 0.56
C ASN B 161 -9.84 -14.61 0.47
N ASN B 162 -11.03 -15.15 0.61
CA ASN B 162 -11.28 -16.57 0.51
C ASN B 162 -12.37 -16.84 -0.52
N TRP B 163 -12.09 -17.69 -1.51
CA TRP B 163 -13.09 -17.98 -2.53
C TRP B 163 -14.18 -18.88 -2.00
N SER B 164 -15.42 -18.59 -2.41
CA SER B 164 -16.54 -19.51 -2.24
C SER B 164 -17.50 -19.30 -3.39
N PRO B 165 -18.06 -20.38 -3.95
CA PRO B 165 -19.13 -20.24 -4.94
C PRO B 165 -20.33 -19.48 -4.41
N GLU B 166 -20.44 -19.35 -3.09
CA GLU B 166 -21.54 -18.59 -2.47
C GLU B 166 -21.27 -17.09 -2.41
N LEU B 167 -20.07 -16.62 -2.75
CA LEU B 167 -19.83 -15.20 -2.75
C LEU B 167 -20.79 -14.50 -3.69
N ARG B 168 -21.26 -13.32 -3.29
CA ARG B 168 -22.19 -12.55 -4.10
C ARG B 168 -21.76 -11.09 -4.15
N GLY B 169 -22.19 -10.41 -5.20
CA GLY B 169 -22.07 -8.96 -5.24
C GLY B 169 -20.64 -8.46 -5.21
N LEU B 170 -20.47 -7.34 -4.48
CA LEU B 170 -19.20 -6.62 -4.50
C LEU B 170 -18.04 -7.49 -4.06
N GLY B 171 -18.24 -8.28 -3.00
CA GLY B 171 -17.16 -9.13 -2.51
C GLY B 171 -16.70 -10.13 -3.56
N ARG B 172 -17.65 -10.70 -4.31
CA ARG B 172 -17.29 -11.64 -5.36
C ARG B 172 -16.43 -10.96 -6.40
N LEU B 173 -16.86 -9.79 -6.85
CA LEU B 173 -16.12 -9.09 -7.88
C LEU B 173 -14.73 -8.66 -7.40
N ARG B 174 -14.64 -8.20 -6.15
CA ARG B 174 -13.35 -7.80 -5.59
C ARG B 174 -12.41 -8.98 -5.47
N PHE B 175 -12.91 -10.11 -4.97
CA PHE B 175 -12.03 -11.28 -4.89
C PHE B 175 -11.52 -11.66 -6.28
N ILE B 176 -12.41 -11.73 -7.26
CA ILE B 176 -11.97 -12.12 -8.60
C ILE B 176 -10.87 -11.19 -9.10
N THR B 177 -11.08 -9.88 -8.95
CA THR B 177 -10.09 -8.92 -9.41
C THR B 177 -8.75 -9.11 -8.71
N ASN B 178 -8.80 -9.29 -7.38
CA ASN B 178 -7.57 -9.46 -6.60
C ASN B 178 -6.84 -10.74 -6.98
N ALA B 179 -7.58 -11.83 -7.18
CA ALA B 179 -6.97 -13.10 -7.55
C ALA B 179 -6.25 -12.99 -8.89
N PHE B 180 -6.89 -12.39 -9.90
CA PHE B 180 -6.27 -12.34 -11.22
C PHE B 180 -5.14 -11.32 -11.31
N THR B 181 -5.23 -10.19 -10.58
CA THR B 181 -4.30 -9.09 -10.83
C THR B 181 -3.41 -8.66 -9.67
N ARG B 182 -3.62 -9.16 -8.46
CA ARG B 182 -2.82 -8.69 -7.33
C ARG B 182 -2.18 -9.81 -6.51
N MET B 183 -2.65 -11.05 -6.66
CA MET B 183 -2.19 -12.18 -5.87
C MET B 183 -0.68 -12.36 -5.92
N ARG B 184 -0.09 -12.65 -4.76
CA ARG B 184 1.29 -13.15 -4.66
C ARG B 184 1.30 -14.27 -3.62
N PHE B 185 1.16 -13.92 -2.34
CA PHE B 185 1.22 -14.88 -1.25
C PHE B 185 -0.15 -15.41 -0.85
N CYS B 186 -0.16 -16.65 -0.37
CA CYS B 186 -1.33 -17.31 0.17
C CYS B 186 -1.07 -17.84 1.58
N PHE B 187 -2.12 -17.90 2.38
CA PHE B 187 -2.07 -18.68 3.60
C PHE B 187 -2.18 -20.16 3.24
N PRO B 188 -1.84 -21.06 4.17
CA PRO B 188 -1.81 -22.49 3.81
C PRO B 188 -3.11 -23.02 3.24
N ASN B 189 -4.25 -22.47 3.65
CA ASN B 189 -5.55 -22.88 3.13
C ASN B 189 -5.89 -22.21 1.81
N GLY B 190 -4.99 -21.44 1.22
CA GLY B 190 -5.23 -20.81 -0.05
C GLY B 190 -5.73 -19.38 0.01
N GLN B 191 -6.04 -18.85 1.20
CA GLN B 191 -6.56 -17.48 1.28
C GLN B 191 -5.51 -16.49 0.81
N LEU B 192 -5.96 -15.45 0.11
CA LEU B 192 -5.05 -14.43 -0.39
C LEU B 192 -4.55 -13.53 0.73
N ASP B 193 -3.26 -13.20 0.68
CA ASP B 193 -2.71 -12.09 1.44
C ASP B 193 -2.47 -10.92 0.48
N MET B 194 -3.04 -9.77 0.79
CA MET B 194 -2.99 -8.60 -0.08
CA MET B 194 -2.97 -8.60 -0.09
C MET B 194 -1.91 -7.60 0.33
N TYR B 195 -0.99 -7.96 1.21
CA TYR B 195 -0.04 -6.95 1.72
C TYR B 195 1.42 -7.25 1.42
N SER B 196 1.86 -8.49 1.55
CA SER B 196 3.27 -8.81 1.36
C SER B 196 3.63 -8.89 -0.13
N LYS B 197 4.67 -8.16 -0.53
CA LYS B 197 5.08 -8.12 -1.92
C LYS B 197 6.55 -8.52 -2.09
N GLU B 198 7.20 -9.00 -1.04
CA GLU B 198 8.61 -9.35 -1.09
C GLU B 198 8.82 -10.74 -1.72
N SER B 199 10.08 -11.13 -1.85
CA SER B 199 10.41 -12.45 -2.36
C SER B 199 9.99 -13.52 -1.35
N PRO B 200 9.75 -14.73 -1.83
CA PRO B 200 9.30 -15.81 -0.91
C PRO B 200 10.23 -16.04 0.28
N GLU B 201 11.55 -15.90 0.11
CA GLU B 201 12.44 -16.18 1.24
C GLU B 201 12.32 -15.13 2.34
N GLU B 202 11.80 -13.95 2.04
CA GLU B 202 11.71 -12.87 3.01
C GLU B 202 10.33 -12.74 3.62
N ALA B 203 9.38 -13.54 3.18
CA ALA B 203 8.01 -13.30 3.60
C ALA B 203 7.79 -13.81 5.02
N PRO B 204 6.84 -13.22 5.75
CA PRO B 204 6.57 -13.69 7.11
C PRO B 204 5.74 -14.96 7.09
N ALA B 205 6.04 -15.87 8.01
CA ALA B 205 5.21 -17.06 8.13
C ALA B 205 3.80 -16.67 8.52
N PRO B 206 2.79 -17.46 8.12
CA PRO B 206 2.86 -18.71 7.37
C PRO B 206 2.72 -18.53 5.86
N LEU B 207 3.08 -17.36 5.31
CA LEU B 207 2.79 -17.07 3.91
C LEU B 207 3.69 -17.88 2.98
N LYS B 208 3.11 -18.39 1.90
CA LYS B 208 3.80 -19.11 0.84
C LYS B 208 3.34 -18.60 -0.52
N PRO B 209 4.16 -18.72 -1.55
CA PRO B 209 3.70 -18.34 -2.89
C PRO B 209 2.47 -19.14 -3.30
N TRP B 210 1.57 -18.47 -4.05
CA TRP B 210 0.37 -19.14 -4.54
C TRP B 210 0.69 -20.42 -5.30
N PHE B 211 1.79 -20.41 -6.04
CA PHE B 211 2.11 -21.58 -6.84
C PHE B 211 2.73 -22.71 -6.02
N ALA B 212 3.04 -22.46 -4.75
CA ALA B 212 3.56 -23.49 -3.85
C ALA B 212 2.46 -24.30 -3.21
N ILE B 213 1.20 -23.95 -3.46
CA ILE B 213 0.05 -24.68 -2.95
C ILE B 213 -0.58 -25.44 -4.11
N PRO B 214 -0.62 -26.77 -4.07
CA PRO B 214 -1.13 -27.53 -5.22
C PRO B 214 -2.56 -27.12 -5.53
N GLY B 215 -2.79 -26.78 -6.81
CA GLY B 215 -4.10 -26.42 -7.29
C GLY B 215 -4.47 -27.27 -8.48
N PRO B 216 -5.77 -27.38 -8.78
CA PRO B 216 -6.17 -28.27 -9.89
C PRO B 216 -5.75 -27.77 -11.27
N VAL B 217 -5.62 -26.46 -11.49
CA VAL B 217 -5.26 -25.99 -12.82
C VAL B 217 -3.85 -26.40 -13.17
N ALA B 218 -2.91 -26.24 -12.24
CA ALA B 218 -1.52 -26.60 -12.48
C ALA B 218 -1.32 -28.09 -12.71
N GLU B 219 -2.29 -28.91 -12.31
CA GLU B 219 -2.17 -30.33 -12.53
C GLU B 219 -2.30 -30.69 -14.00
N GLU B 220 -3.05 -29.89 -14.78
CA GLU B 220 -3.25 -30.18 -16.18
C GLU B 220 -2.63 -29.16 -17.13
N TYR B 221 -2.32 -27.95 -16.66
CA TYR B 221 -1.90 -26.87 -17.54
C TYR B 221 -0.59 -26.26 -17.04
N SER B 222 0.20 -25.78 -17.98
CA SER B 222 1.23 -24.82 -17.63
C SER B 222 0.58 -23.48 -17.33
N ILE B 223 1.17 -22.73 -16.42
CA ILE B 223 0.69 -21.39 -16.10
C ILE B 223 1.82 -20.39 -16.31
N ALA B 224 1.59 -19.40 -17.16
CA ALA B 224 2.48 -18.28 -17.33
C ALA B 224 1.86 -17.04 -16.70
N PHE B 225 2.68 -16.24 -16.02
CA PHE B 225 2.16 -15.05 -15.35
C PHE B 225 3.28 -14.02 -15.26
N GLY B 226 2.90 -12.79 -14.89
CA GLY B 226 3.91 -11.75 -14.65
C GLY B 226 3.81 -11.24 -13.23
N HIS B 227 3.61 -9.93 -13.07
CA HIS B 227 3.22 -9.28 -11.81
C HIS B 227 4.25 -9.25 -10.69
N TRP B 228 4.74 -10.43 -10.30
CA TRP B 228 5.55 -10.59 -9.08
C TRP B 228 7.03 -10.32 -9.35
N ALA B 229 7.36 -9.03 -9.44
CA ALA B 229 8.73 -8.65 -9.83
C ALA B 229 9.76 -9.12 -8.81
N SER B 230 9.42 -9.10 -7.51
CA SER B 230 10.41 -9.49 -6.50
C SER B 230 10.77 -10.96 -6.57
N LEU B 231 10.02 -11.74 -7.34
CA LEU B 231 10.38 -13.13 -7.61
C LEU B 231 11.55 -13.25 -8.58
N GLU B 232 11.77 -12.20 -9.39
CA GLU B 232 12.87 -12.16 -10.36
C GLU B 232 12.80 -13.32 -11.35
N GLY B 233 11.59 -13.84 -11.57
CA GLY B 233 11.35 -14.91 -12.52
C GLY B 233 11.94 -16.24 -12.12
N LYS B 234 12.24 -16.42 -10.84
CA LYS B 234 12.97 -17.56 -10.32
C LYS B 234 12.15 -18.29 -9.27
N GLY B 235 12.58 -19.50 -8.96
CA GLY B 235 12.04 -20.24 -7.84
C GLY B 235 10.69 -20.86 -8.04
N THR B 236 10.28 -21.13 -9.30
CA THR B 236 8.96 -21.70 -9.52
C THR B 236 9.05 -23.18 -9.83
N PRO B 237 8.01 -23.94 -9.54
CA PRO B 237 7.99 -25.36 -9.92
C PRO B 237 7.91 -25.53 -11.43
N GLU B 238 8.14 -26.77 -11.86
CA GLU B 238 7.95 -27.11 -13.27
C GLU B 238 6.52 -26.81 -13.69
N GLY B 239 6.39 -26.27 -14.91
CA GLY B 239 5.11 -25.89 -15.45
C GLY B 239 4.62 -24.51 -15.06
N ILE B 240 5.37 -23.79 -14.22
CA ILE B 240 5.00 -22.46 -13.74
C ILE B 240 6.07 -21.49 -14.25
N TYR B 241 5.64 -20.47 -15.01
CA TYR B 241 6.55 -19.56 -15.68
C TYR B 241 6.32 -18.14 -15.19
N ALA B 242 7.23 -17.65 -14.36
CA ALA B 242 7.20 -16.30 -13.81
C ALA B 242 7.97 -15.40 -14.76
N LEU B 243 7.25 -14.65 -15.60
CA LEU B 243 7.91 -13.93 -16.69
C LEU B 243 8.31 -12.50 -16.34
N ASP B 244 7.89 -11.96 -15.20
CA ASP B 244 8.16 -10.56 -14.88
C ASP B 244 9.53 -10.43 -14.23
N THR B 245 10.53 -10.01 -14.99
CA THR B 245 11.87 -9.85 -14.45
C THR B 245 12.23 -8.38 -14.23
N GLY B 246 11.23 -7.53 -14.05
CA GLY B 246 11.45 -6.17 -13.57
C GLY B 246 12.06 -5.17 -14.52
N CYS B 247 11.67 -5.19 -15.80
CA CYS B 247 12.27 -4.25 -16.75
C CYS B 247 12.19 -2.81 -16.27
N CYS B 248 10.99 -2.36 -15.89
CA CYS B 248 10.84 -0.96 -15.48
C CYS B 248 11.66 -0.62 -14.25
N TRP B 249 12.07 -1.62 -13.48
CA TRP B 249 12.82 -1.39 -12.25
C TRP B 249 14.32 -1.37 -12.47
N GLY B 250 14.76 -1.42 -13.72
CA GLY B 250 16.17 -1.62 -13.98
C GLY B 250 16.60 -3.07 -14.09
N GLY B 251 15.65 -3.99 -14.11
CA GLY B 251 15.95 -5.40 -14.34
C GLY B 251 16.05 -5.70 -15.82
N THR B 252 15.26 -6.65 -16.31
CA THR B 252 15.30 -7.05 -17.71
C THR B 252 13.88 -7.32 -18.19
N LEU B 253 13.71 -7.29 -19.51
CA LEU B 253 12.50 -7.79 -20.14
C LEU B 253 12.75 -9.20 -20.66
N THR B 254 11.89 -10.15 -20.27
CA THR B 254 12.09 -11.54 -20.62
C THR B 254 11.06 -12.02 -21.62
N CYS B 255 11.52 -12.78 -22.62
CA CYS B 255 10.69 -13.40 -23.63
C CYS B 255 10.94 -14.90 -23.64
N LEU B 256 9.86 -15.69 -23.59
CA LEU B 256 9.98 -17.14 -23.65
C LEU B 256 9.36 -17.59 -24.96
N ARG B 257 10.10 -18.35 -25.77
CA ARG B 257 9.56 -18.97 -26.96
C ARG B 257 9.01 -20.35 -26.58
N TRP B 258 7.73 -20.55 -26.85
CA TRP B 258 7.04 -21.74 -26.35
C TRP B 258 7.51 -23.02 -27.02
N GLU B 259 7.80 -22.98 -28.33
CA GLU B 259 8.06 -24.24 -29.04
C GLU B 259 9.27 -24.97 -28.47
N ASP B 260 10.31 -24.26 -28.10
CA ASP B 260 11.51 -24.91 -27.56
C ASP B 260 11.81 -24.47 -26.14
N LYS B 261 10.91 -23.71 -25.51
CA LYS B 261 11.11 -23.15 -24.17
C LYS B 261 12.41 -22.37 -24.09
N GLN B 262 12.71 -21.61 -25.13
CA GLN B 262 13.98 -20.89 -25.13
C GLN B 262 13.76 -19.45 -24.66
N TYR B 263 14.62 -18.95 -23.77
CA TYR B 263 14.51 -17.61 -23.21
C TYR B 263 15.41 -16.61 -23.94
N PHE B 264 14.89 -15.41 -24.14
CA PHE B 264 15.61 -14.26 -24.69
C PHE B 264 15.40 -13.10 -23.71
N VAL B 265 16.45 -12.33 -23.47
CA VAL B 265 16.39 -11.28 -22.46
C VAL B 265 16.87 -9.97 -23.06
N GLN B 266 16.19 -8.88 -22.71
CA GLN B 266 16.57 -7.54 -23.12
C GLN B 266 16.90 -6.71 -21.89
N PRO B 267 18.14 -6.23 -21.72
CA PRO B 267 18.43 -5.40 -20.54
C PRO B 267 17.61 -4.12 -20.54
N SER B 268 17.24 -3.68 -19.34
CA SER B 268 16.52 -2.42 -19.20
C SER B 268 17.42 -1.26 -19.62
N ASN B 269 16.83 -0.23 -20.22
CA ASN B 269 17.59 0.98 -20.51
C ASN B 269 17.73 1.91 -19.30
N ARG B 270 16.98 1.67 -18.23
CA ARG B 270 17.04 2.49 -17.03
C ARG B 270 18.36 2.28 -16.28
#